data_1H12
#
_entry.id   1H12
#
_cell.length_a   50.972
_cell.length_b   90.734
_cell.length_c   97.581
_cell.angle_alpha   90.00
_cell.angle_beta   90.00
_cell.angle_gamma   90.00
#
_symmetry.space_group_name_H-M   'P 21 21 21'
#
loop_
_entity.id
_entity.type
_entity.pdbx_description
1 polymer ENDO-1,4-BETA-XYLANASE
2 non-polymer beta-D-xylopyranose
3 non-polymer alpha-D-xylopyranose
4 water water
#
_entity_poly.entity_id   1
_entity_poly.type   'polypeptide(L)'
_entity_poly.pdbx_seq_one_letter_code
;AFNNNPSSVGAYSSGTYRNLAQEMGKTNIQQKVNSTFDNMFGYNNTQQLYYPYTENGVYKAHYIKAINPDEGDDIRTEGQ
SWGMTAAVMLNKQEEFDNLWRFAKAYQKNPDNHPDAKKQGVYAWKLKLNQNGFVYKVDEGPAPDGEEYFAFALLNASARW
GNSGEFNYYNDAITMLNTIKNKLMENQIIRFSPYIDNLTDPSYHIPAFYDYFANNVTNQADKNYWRQVATKSRTLLKNHF
TKVSGSPHWNLPTFLSRLDGSPVIGYIFNGQANPGQWYEFDAWRVIMNVGLDAHLMGAQAWHKSAVNKALGFLSYAKTNN
SKNCYEQVYSYGGAQNRGCAGEGQKAANAVALLASTNAGQANEFFNEFWSLSQPTGDYRYYNGSLYMLAMLHVSGNFKFY
NNTFN
;
_entity_poly.pdbx_strand_id   A
#
loop_
_chem_comp.id
_chem_comp.type
_chem_comp.name
_chem_comp.formula
XYP D-saccharide, beta linking beta-D-xylopyranose 'C5 H10 O5'
XYS D-saccharide, alpha linking alpha-D-xylopyranose 'C5 H10 O5'
#
# COMPACT_ATOMS: atom_id res chain seq x y z
N ALA A 1 -3.10 -14.02 -23.41
CA ALA A 1 -4.46 -13.95 -22.86
C ALA A 1 -4.42 -13.92 -21.34
N PHE A 2 -5.39 -13.30 -20.74
CA PHE A 2 -5.51 -13.29 -19.29
C PHE A 2 -5.59 -14.66 -18.70
N ASN A 3 -4.79 -14.95 -17.68
CA ASN A 3 -4.89 -16.21 -16.95
C ASN A 3 -5.98 -16.07 -15.90
N ASN A 4 -7.15 -16.62 -16.19
CA ASN A 4 -8.27 -16.60 -15.30
C ASN A 4 -8.30 -17.75 -14.33
N ASN A 5 -7.21 -18.48 -14.23
CA ASN A 5 -7.09 -19.56 -13.28
C ASN A 5 -5.78 -19.41 -12.46
N PRO A 6 -5.69 -18.35 -11.66
CA PRO A 6 -4.44 -18.09 -10.94
C PRO A 6 -4.06 -19.23 -10.07
N SER A 7 -2.75 -19.52 -10.03
CA SER A 7 -2.24 -20.62 -9.25
C SER A 7 -2.45 -20.52 -7.78
N SER A 8 -2.71 -21.67 -7.12
CA SER A 8 -2.75 -21.75 -5.66
C SER A 8 -1.35 -21.69 -5.07
N VAL A 9 -0.34 -21.80 -5.89
CA VAL A 9 1.06 -21.70 -5.45
C VAL A 9 1.54 -20.32 -5.82
N GLY A 10 2.03 -19.60 -4.84
CA GLY A 10 2.49 -18.22 -5.08
C GLY A 10 3.86 -18.11 -5.76
N ALA A 11 4.10 -16.96 -6.34
CA ALA A 11 5.39 -16.61 -6.93
C ALA A 11 6.51 -16.64 -5.90
N TYR A 12 6.22 -16.35 -4.68
CA TYR A 12 7.27 -16.42 -3.62
C TYR A 12 7.80 -17.83 -3.49
N SER A 13 6.91 -18.80 -3.59
CA SER A 13 7.39 -20.19 -3.50
CA SER A 13 7.40 -20.17 -3.52
C SER A 13 7.89 -20.74 -4.80
N SER A 14 7.32 -20.39 -5.93
CA SER A 14 7.71 -21.05 -7.20
C SER A 14 8.77 -20.31 -7.92
N GLY A 15 8.91 -19.02 -7.65
CA GLY A 15 9.77 -18.14 -8.39
C GLY A 15 9.22 -17.68 -9.67
N THR A 16 8.00 -18.09 -10.03
CA THR A 16 7.37 -17.69 -11.29
C THR A 16 6.48 -16.49 -11.03
N TYR A 17 6.82 -15.32 -11.54
CA TYR A 17 6.02 -14.12 -11.43
C TYR A 17 5.22 -13.92 -12.72
N ARG A 18 3.95 -13.63 -12.56
CA ARG A 18 3.11 -13.26 -13.67
C ARG A 18 3.50 -11.87 -14.14
N ASN A 19 3.31 -11.66 -15.44
CA ASN A 19 3.37 -10.36 -16.09
C ASN A 19 2.00 -10.11 -16.66
N LEU A 20 1.14 -9.48 -15.88
CA LEU A 20 -0.26 -9.27 -16.25
C LEU A 20 -0.38 -8.47 -17.52
N ALA A 21 0.42 -7.44 -17.69
CA ALA A 21 0.38 -6.65 -18.88
C ALA A 21 0.68 -7.48 -20.13
N GLN A 22 1.62 -8.40 -20.00
CA GLN A 22 1.95 -9.29 -21.12
C GLN A 22 0.80 -10.23 -21.40
N GLU A 23 0.18 -10.80 -20.36
CA GLU A 23 -1.01 -11.62 -20.55
C GLU A 23 -2.07 -10.86 -21.32
N MET A 24 -2.19 -9.57 -21.09
CA MET A 24 -3.21 -8.74 -21.67
C MET A 24 -2.77 -8.22 -23.05
N GLY A 25 -1.66 -8.69 -23.55
CA GLY A 25 -1.23 -8.38 -24.94
C GLY A 25 -0.56 -7.06 -25.13
N LYS A 26 -0.09 -6.43 -24.04
CA LYS A 26 0.52 -5.15 -24.16
C LYS A 26 1.98 -5.26 -24.59
N THR A 27 2.48 -4.20 -25.16
CA THR A 27 3.86 -4.14 -25.60
C THR A 27 4.60 -2.98 -24.92
N ASN A 28 5.89 -2.97 -25.04
CA ASN A 28 6.73 -1.93 -24.43
C ASN A 28 6.44 -1.77 -22.95
N ILE A 29 6.22 -2.93 -22.30
CA ILE A 29 5.82 -2.89 -20.91
C ILE A 29 6.90 -2.34 -20.00
N GLN A 30 8.09 -2.85 -20.13
CA GLN A 30 9.17 -2.42 -19.26
C GLN A 30 9.50 -0.95 -19.47
N GLN A 31 9.46 -0.47 -20.72
CA GLN A 31 9.70 0.96 -20.98
C GLN A 31 8.67 1.81 -20.23
N LYS A 32 7.42 1.39 -20.22
CA LYS A 32 6.37 2.15 -19.54
C LYS A 32 6.61 2.17 -18.03
N VAL A 33 7.00 1.03 -17.47
CA VAL A 33 7.34 0.98 -16.04
C VAL A 33 8.49 1.91 -15.73
N ASN A 34 9.53 1.84 -16.54
CA ASN A 34 10.70 2.67 -16.33
C ASN A 34 10.40 4.16 -16.46
N SER A 35 9.62 4.52 -17.46
CA SER A 35 9.29 5.95 -17.57
CA SER A 35 9.28 5.92 -17.57
C SER A 35 8.41 6.44 -16.42
N THR A 36 7.55 5.57 -15.90
CA THR A 36 6.70 5.90 -14.76
C THR A 36 7.64 6.29 -13.59
N PHE A 37 8.63 5.45 -13.29
CA PHE A 37 9.53 5.77 -12.21
C PHE A 37 10.30 7.03 -12.54
N ASP A 38 10.81 7.15 -13.74
CA ASP A 38 11.64 8.31 -14.09
C ASP A 38 10.90 9.59 -13.97
N ASN A 39 9.62 9.58 -14.33
CA ASN A 39 8.84 10.81 -14.25
C ASN A 39 8.43 11.14 -12.82
N MET A 40 8.13 10.10 -12.02
CA MET A 40 7.78 10.33 -10.61
C MET A 40 9.00 10.84 -9.82
N PHE A 41 10.19 10.37 -10.17
CA PHE A 41 11.42 10.65 -9.47
C PHE A 41 12.29 11.71 -10.20
N GLY A 42 11.77 12.32 -11.21
CA GLY A 42 12.50 13.32 -11.99
C GLY A 42 12.05 14.72 -11.59
N TYR A 43 12.93 15.69 -11.88
CA TYR A 43 12.68 17.06 -11.45
C TYR A 43 11.89 17.81 -12.51
N ASN A 44 10.66 17.43 -12.72
CA ASN A 44 9.79 17.97 -13.78
C ASN A 44 8.59 18.74 -13.29
N ASN A 45 8.27 18.70 -12.00
CA ASN A 45 7.14 19.37 -11.45
C ASN A 45 5.87 19.04 -12.12
N THR A 46 5.79 17.87 -12.74
CA THR A 46 4.63 17.47 -13.56
C THR A 46 4.05 16.20 -12.97
N GLN A 47 4.69 15.09 -13.20
CA GLN A 47 4.37 13.85 -12.49
C GLN A 47 5.13 13.74 -11.14
N GLN A 48 6.17 14.55 -10.99
CA GLN A 48 7.12 14.44 -9.90
C GLN A 48 6.43 14.37 -8.54
N LEU A 49 6.91 13.39 -7.73
CA LEU A 49 6.54 13.30 -6.33
C LEU A 49 7.78 13.35 -5.38
N TYR A 50 8.95 13.12 -5.92
CA TYR A 50 10.19 12.99 -5.18
C TYR A 50 10.93 14.33 -5.18
N TYR A 51 11.08 14.94 -4.00
CA TYR A 51 11.63 16.27 -3.86
C TYR A 51 12.76 16.29 -2.86
N PRO A 52 13.79 17.08 -3.14
CA PRO A 52 14.87 17.27 -2.16
C PRO A 52 14.46 18.16 -1.03
N TYR A 53 15.04 17.88 0.13
CA TYR A 53 14.93 18.71 1.34
C TYR A 53 16.33 19.24 1.68
N THR A 54 16.43 20.56 1.75
CA THR A 54 17.67 21.24 2.09
C THR A 54 17.46 22.15 3.30
N GLU A 55 18.54 22.40 4.03
CA GLU A 55 18.51 23.28 5.19
C GLU A 55 19.62 24.28 5.06
N ASN A 56 19.27 25.54 4.95
CA ASN A 56 20.29 26.58 4.74
C ASN A 56 21.21 26.31 3.57
N GLY A 57 20.62 25.75 2.50
CA GLY A 57 21.33 25.46 1.27
C GLY A 57 22.09 24.17 1.27
N VAL A 58 22.08 23.44 2.38
CA VAL A 58 22.80 22.16 2.52
C VAL A 58 21.79 21.05 2.25
N TYR A 59 22.09 20.20 1.28
CA TYR A 59 21.26 19.05 0.99
C TYR A 59 21.22 18.09 2.13
N LYS A 60 20.02 17.61 2.46
CA LYS A 60 19.83 16.64 3.54
C LYS A 60 19.31 15.30 3.02
N ALA A 61 18.16 15.27 2.43
CA ALA A 61 17.49 14.01 2.07
C ALA A 61 16.38 14.30 1.12
N HIS A 62 15.59 13.33 0.72
CA HIS A 62 14.44 13.54 -0.16
C HIS A 62 13.16 13.01 0.50
N TYR A 63 12.05 13.51 0.04
CA TYR A 63 10.76 13.04 0.49
C TYR A 63 9.79 12.93 -0.67
N ILE A 64 8.75 12.14 -0.44
CA ILE A 64 7.58 12.05 -1.30
C ILE A 64 6.63 13.12 -0.78
N LYS A 65 6.30 14.07 -1.66
CA LYS A 65 5.48 15.21 -1.31
C LYS A 65 4.01 14.89 -1.48
N ALA A 66 3.26 14.98 -0.39
CA ALA A 66 1.82 14.80 -0.42
C ALA A 66 1.17 16.13 -0.73
N ILE A 67 1.20 16.46 -2.01
CA ILE A 67 0.62 17.68 -2.54
C ILE A 67 -0.82 17.72 -2.16
N ASN A 68 -1.23 18.88 -1.67
CA ASN A 68 -2.57 18.99 -1.12
C ASN A 68 -3.07 20.41 -1.25
N PRO A 69 -3.94 20.57 -2.22
CA PRO A 69 -4.52 21.89 -2.55
C PRO A 69 -5.47 22.40 -1.49
N ASP A 70 -6.10 21.50 -0.78
CA ASP A 70 -7.12 21.94 0.18
C ASP A 70 -6.56 22.34 1.55
N GLU A 71 -5.43 21.75 1.94
CA GLU A 71 -4.99 21.83 3.31
C GLU A 71 -3.51 22.20 3.40
N GLY A 72 -2.85 22.31 2.25
CA GLY A 72 -1.45 22.67 2.23
C GLY A 72 -0.61 21.33 2.10
N ASP A 73 0.44 21.41 1.32
CA ASP A 73 1.23 20.22 1.06
C ASP A 73 1.78 19.67 2.39
N ASP A 74 1.88 18.37 2.52
CA ASP A 74 2.47 17.76 3.68
C ASP A 74 3.27 16.54 3.24
N ILE A 75 3.79 15.80 4.23
CA ILE A 75 4.70 14.70 3.94
C ILE A 75 4.23 13.54 4.81
N ARG A 76 3.98 12.39 4.20
CA ARG A 76 3.34 11.26 4.87
C ARG A 76 4.21 10.02 4.85
N THR A 77 4.10 9.20 5.88
CA THR A 77 4.83 7.96 5.96
C THR A 77 4.39 6.94 4.93
N GLU A 78 3.11 6.88 4.59
CA GLU A 78 2.67 5.97 3.55
C GLU A 78 3.40 6.27 2.25
N GLY A 79 3.32 7.51 1.80
CA GLY A 79 3.96 7.83 0.52
C GLY A 79 5.45 7.60 0.51
N GLN A 80 6.10 7.93 1.63
CA GLN A 80 7.55 7.75 1.79
C GLN A 80 7.91 6.27 1.62
N SER A 81 7.17 5.42 2.34
CA SER A 81 7.44 4.00 2.34
C SER A 81 7.11 3.34 1.01
N TRP A 82 6.07 3.81 0.35
CA TRP A 82 5.71 3.35 -0.98
C TRP A 82 6.78 3.72 -1.97
N GLY A 83 7.32 4.93 -1.85
CA GLY A 83 8.40 5.36 -2.74
C GLY A 83 9.66 4.52 -2.58
N MET A 84 10.02 4.20 -1.33
CA MET A 84 11.13 3.30 -1.09
C MET A 84 10.89 1.93 -1.71
N THR A 85 9.68 1.43 -1.58
CA THR A 85 9.33 0.15 -2.12
C THR A 85 9.49 0.14 -3.64
N ALA A 86 8.99 1.18 -4.30
CA ALA A 86 9.15 1.27 -5.72
C ALA A 86 10.61 1.31 -6.11
N ALA A 87 11.40 2.09 -5.40
CA ALA A 87 12.83 2.22 -5.72
C ALA A 87 13.55 0.87 -5.62
N VAL A 88 13.32 0.10 -4.53
CA VAL A 88 14.05 -1.16 -4.39
C VAL A 88 13.65 -2.13 -5.49
N MET A 89 12.39 -2.13 -5.92
CA MET A 89 11.99 -3.05 -6.97
C MET A 89 12.68 -2.77 -8.29
N LEU A 90 13.02 -1.52 -8.56
CA LEU A 90 13.69 -1.13 -9.81
C LEU A 90 15.17 -0.91 -9.64
N ASN A 91 15.72 -1.29 -8.52
CA ASN A 91 17.19 -1.20 -8.30
C ASN A 91 17.68 0.25 -8.27
N LYS A 92 16.87 1.14 -7.68
CA LYS A 92 17.14 2.58 -7.65
C LYS A 92 17.66 2.99 -6.27
N GLN A 93 18.96 2.72 -6.06
CA GLN A 93 19.49 2.80 -4.72
C GLN A 93 19.62 4.20 -4.16
N GLU A 94 20.06 5.15 -4.96
CA GLU A 94 20.20 6.50 -4.49
C GLU A 94 18.85 7.04 -4.02
N GLU A 95 17.84 6.84 -4.83
CA GLU A 95 16.49 7.30 -4.49
C GLU A 95 16.03 6.66 -3.19
N PHE A 96 16.22 5.35 -3.08
CA PHE A 96 15.88 4.63 -1.86
C PHE A 96 16.57 5.27 -0.65
N ASP A 97 17.87 5.44 -0.76
CA ASP A 97 18.67 5.91 0.35
C ASP A 97 18.29 7.34 0.75
N ASN A 98 18.00 8.17 -0.22
CA ASN A 98 17.61 9.53 0.06
C ASN A 98 16.30 9.61 0.81
N LEU A 99 15.34 8.75 0.40
CA LEU A 99 14.06 8.67 1.10
C LEU A 99 14.22 8.09 2.50
N TRP A 100 15.00 7.02 2.65
CA TRP A 100 15.16 6.39 3.96
C TRP A 100 15.89 7.32 4.93
N ARG A 101 16.89 8.08 4.41
CA ARG A 101 17.59 9.00 5.26
C ARG A 101 16.63 10.01 5.86
N PHE A 102 15.69 10.51 5.03
CA PHE A 102 14.68 11.46 5.50
C PHE A 102 13.80 10.85 6.55
N ALA A 103 13.33 9.65 6.30
CA ALA A 103 12.39 8.99 7.23
C ALA A 103 13.06 8.82 8.60
N LYS A 104 14.26 8.25 8.60
CA LYS A 104 14.92 7.94 9.83
C LYS A 104 15.26 9.19 10.63
N ALA A 105 15.61 10.27 9.93
CA ALA A 105 16.00 11.51 10.59
C ALA A 105 14.79 12.30 11.07
N TYR A 106 13.76 12.40 10.26
CA TYR A 106 12.72 13.39 10.45
C TYR A 106 11.34 12.81 10.76
N GLN A 107 11.00 11.63 10.26
CA GLN A 107 9.73 11.00 10.59
C GLN A 107 9.77 10.23 11.88
N LYS A 108 10.88 9.57 12.19
CA LYS A 108 10.95 8.72 13.37
C LYS A 108 10.77 9.54 14.64
N ASN A 109 9.88 9.13 15.51
CA ASN A 109 9.79 9.70 16.87
C ASN A 109 10.91 9.10 17.70
N PRO A 110 11.55 9.90 18.56
CA PRO A 110 12.66 9.39 19.33
C PRO A 110 12.32 8.20 20.19
N ASP A 111 13.31 7.33 20.41
CA ASP A 111 13.12 6.16 21.22
C ASP A 111 12.87 6.46 22.69
N ASN A 112 13.21 7.67 23.10
CA ASN A 112 13.00 8.12 24.45
C ASN A 112 11.86 9.18 24.53
N HIS A 113 10.94 9.19 23.53
CA HIS A 113 9.79 10.06 23.63
C HIS A 113 9.11 9.84 24.96
N PRO A 114 8.59 10.89 25.57
CA PRO A 114 7.91 10.69 26.86
C PRO A 114 6.69 9.80 26.81
N ASP A 115 6.04 9.68 25.65
CA ASP A 115 4.91 8.76 25.47
C ASP A 115 5.45 7.43 24.92
N ALA A 116 5.45 6.39 25.74
CA ALA A 116 6.01 5.13 25.31
C ALA A 116 5.36 4.61 24.04
N LYS A 117 4.11 4.93 23.85
CA LYS A 117 3.39 4.44 22.65
C LYS A 117 3.88 5.04 21.36
N LYS A 118 4.60 6.16 21.42
CA LYS A 118 5.17 6.82 20.24
C LYS A 118 6.61 6.47 20.01
N GLN A 119 7.27 5.82 20.95
CA GLN A 119 8.72 5.59 20.83
C GLN A 119 9.07 4.77 19.62
N GLY A 120 9.87 5.35 18.74
CA GLY A 120 10.31 4.67 17.55
C GLY A 120 9.31 4.48 16.44
N VAL A 121 8.06 4.93 16.62
CA VAL A 121 7.11 4.91 15.52
C VAL A 121 7.31 6.15 14.65
N TYR A 122 6.74 6.14 13.47
CA TYR A 122 7.00 7.17 12.47
C TYR A 122 5.81 8.10 12.34
N ALA A 123 6.04 9.36 12.64
CA ALA A 123 5.02 10.41 12.61
C ALA A 123 4.40 10.51 11.23
N TRP A 124 3.09 10.38 11.17
CA TRP A 124 2.44 10.22 9.87
C TRP A 124 2.41 11.46 9.02
N LYS A 125 2.44 12.63 9.67
CA LYS A 125 2.29 13.90 8.96
C LYS A 125 3.32 14.92 9.41
N LEU A 126 4.18 15.27 8.47
CA LEU A 126 5.17 16.34 8.60
C LEU A 126 4.77 17.46 7.65
N LYS A 127 5.28 18.66 7.90
CA LYS A 127 5.18 19.76 6.97
C LYS A 127 6.47 20.55 7.02
N LEU A 128 6.66 21.41 6.02
CA LEU A 128 7.68 22.45 6.12
C LEU A 128 7.00 23.69 6.76
N ASN A 129 7.67 24.30 7.70
CA ASN A 129 7.15 25.50 8.36
C ASN A 129 7.31 26.73 7.47
N GLN A 130 6.95 27.88 7.96
CA GLN A 130 6.97 29.08 7.15
C GLN A 130 8.37 29.48 6.73
N ASN A 131 9.41 28.97 7.41
CA ASN A 131 10.78 29.23 7.05
C ASN A 131 11.41 28.12 6.23
N GLY A 132 10.64 27.09 5.86
CA GLY A 132 11.10 25.99 5.05
C GLY A 132 11.68 24.80 5.79
N PHE A 133 11.59 24.75 7.11
CA PHE A 133 12.18 23.67 7.87
C PHE A 133 11.11 22.64 8.28
N VAL A 134 11.49 21.38 8.28
CA VAL A 134 10.56 20.31 8.56
C VAL A 134 10.17 20.22 10.03
N TYR A 135 8.91 19.87 10.27
CA TYR A 135 8.44 19.62 11.64
C TYR A 135 7.30 18.65 11.59
N LYS A 136 7.07 18.01 12.72
CA LYS A 136 5.99 17.03 12.85
C LYS A 136 4.68 17.71 13.20
N VAL A 137 3.70 17.50 12.37
CA VAL A 137 2.32 18.00 12.61
C VAL A 137 1.60 17.06 13.54
N ASP A 138 1.71 15.76 13.27
CA ASP A 138 1.02 14.72 14.05
C ASP A 138 2.05 13.61 14.24
N GLU A 139 2.42 13.34 15.48
CA GLU A 139 3.37 12.32 15.85
C GLU A 139 2.80 10.91 15.81
N GLY A 140 1.51 10.76 15.75
CA GLY A 140 0.93 9.44 15.70
C GLY A 140 1.28 8.75 14.36
N PRO A 141 1.32 7.43 14.35
CA PRO A 141 1.69 6.69 13.15
C PRO A 141 0.51 6.42 12.22
N ALA A 142 0.85 6.04 10.99
CA ALA A 142 -0.05 5.39 10.04
C ALA A 142 0.59 4.02 9.81
N PRO A 143 0.18 3.00 10.58
CA PRO A 143 1.02 1.78 10.67
C PRO A 143 1.36 1.02 9.43
N ASP A 144 0.60 1.13 8.32
CA ASP A 144 1.07 0.53 7.10
C ASP A 144 2.33 1.17 6.53
N GLY A 145 2.62 2.41 6.92
CA GLY A 145 3.91 3.00 6.58
C GLY A 145 5.07 2.18 7.17
N GLU A 146 5.03 1.91 8.47
CA GLU A 146 6.04 1.07 9.09
C GLU A 146 6.09 -0.30 8.42
N GLU A 147 4.93 -0.88 8.09
CA GLU A 147 4.94 -2.16 7.39
C GLU A 147 5.73 -2.11 6.09
N TYR A 148 5.44 -1.11 5.25
CA TYR A 148 6.16 -0.95 4.00
C TYR A 148 7.62 -0.60 4.23
N PHE A 149 7.95 0.22 5.26
CA PHE A 149 9.34 0.50 5.50
C PHE A 149 10.10 -0.79 5.79
N ALA A 150 9.53 -1.64 6.68
CA ALA A 150 10.21 -2.90 7.01
C ALA A 150 10.40 -3.77 5.77
N PHE A 151 9.34 -3.89 4.99
CA PHE A 151 9.37 -4.64 3.75
C PHE A 151 10.48 -4.11 2.82
N ALA A 152 10.47 -2.81 2.57
CA ALA A 152 11.41 -2.22 1.67
C ALA A 152 12.85 -2.39 2.14
N LEU A 153 13.09 -2.20 3.44
CA LEU A 153 14.42 -2.33 4.02
C LEU A 153 14.96 -3.76 3.94
N LEU A 154 14.10 -4.75 4.18
CA LEU A 154 14.54 -6.13 4.04
C LEU A 154 14.95 -6.43 2.63
N ASN A 155 14.20 -5.92 1.65
CA ASN A 155 14.57 -6.11 0.26
C ASN A 155 15.86 -5.39 -0.12
N ALA A 156 16.05 -4.17 0.43
CA ALA A 156 17.29 -3.42 0.16
C ALA A 156 18.49 -4.19 0.70
N SER A 157 18.38 -4.73 1.91
CA SER A 157 19.44 -5.58 2.42
C SER A 157 19.75 -6.72 1.47
N ALA A 158 18.73 -7.39 1.01
CA ALA A 158 18.94 -8.55 0.15
C ALA A 158 19.59 -8.19 -1.17
N ARG A 159 19.21 -7.07 -1.76
CA ARG A 159 19.71 -6.70 -3.07
C ARG A 159 21.07 -6.04 -3.01
N TRP A 160 21.31 -5.24 -1.99
CA TRP A 160 22.44 -4.33 -1.96
C TRP A 160 23.46 -4.58 -0.87
N GLY A 161 23.12 -5.39 0.13
CA GLY A 161 23.98 -5.59 1.28
C GLY A 161 23.97 -4.41 2.22
N ASN A 162 24.73 -4.54 3.29
CA ASN A 162 24.59 -3.71 4.47
C ASN A 162 25.86 -2.96 4.85
N SER A 163 26.75 -2.78 3.87
CA SER A 163 28.03 -2.14 4.22
CA SER A 163 28.02 -2.13 4.23
C SER A 163 28.17 -0.73 3.67
N GLY A 164 27.12 -0.17 3.11
CA GLY A 164 27.08 1.21 2.62
C GLY A 164 26.64 2.17 3.68
N GLU A 165 25.92 3.22 3.24
CA GLU A 165 25.39 4.20 4.15
C GLU A 165 24.56 3.57 5.27
N PHE A 166 23.71 2.62 4.89
CA PHE A 166 22.78 1.98 5.81
C PHE A 166 23.04 0.53 6.00
N ASN A 167 22.84 0.10 7.24
CA ASN A 167 22.69 -1.34 7.52
C ASN A 167 21.19 -1.57 7.40
N TYR A 168 20.73 -1.79 6.17
CA TYR A 168 19.34 -1.96 5.89
C TYR A 168 18.74 -3.03 6.75
N TYR A 169 19.45 -4.15 6.92
CA TYR A 169 18.91 -5.28 7.65
C TYR A 169 18.65 -4.90 9.09
N ASN A 170 19.63 -4.27 9.76
CA ASN A 170 19.43 -3.89 11.12
C ASN A 170 18.26 -2.88 11.23
N ASP A 171 18.19 -1.95 10.28
CA ASP A 171 17.09 -1.01 10.28
C ASP A 171 15.74 -1.74 10.11
N ALA A 172 15.71 -2.77 9.28
CA ALA A 172 14.48 -3.51 9.07
C ALA A 172 14.06 -4.27 10.32
N ILE A 173 14.99 -4.92 11.00
CA ILE A 173 14.66 -5.67 12.19
C ILE A 173 14.18 -4.72 13.29
N THR A 174 14.79 -3.55 13.41
CA THR A 174 14.34 -2.54 14.32
C THR A 174 12.89 -2.16 14.00
N MET A 175 12.60 -1.95 12.73
CA MET A 175 11.24 -1.61 12.30
C MET A 175 10.25 -2.72 12.64
N LEU A 176 10.60 -3.98 12.39
CA LEU A 176 9.72 -5.11 12.74
C LEU A 176 9.46 -5.15 14.24
N ASN A 177 10.52 -4.90 15.02
CA ASN A 177 10.27 -4.91 16.49
CA ASN A 177 10.27 -4.91 16.47
C ASN A 177 9.37 -3.79 16.92
N THR A 178 9.52 -2.61 16.28
CA THR A 178 8.60 -1.53 16.53
C THR A 178 7.16 -1.90 16.18
N ILE A 179 6.95 -2.52 15.04
CA ILE A 179 5.61 -2.94 14.66
C ILE A 179 5.04 -3.88 15.74
N LYS A 180 5.81 -4.90 16.09
CA LYS A 180 5.37 -5.86 17.07
C LYS A 180 5.06 -5.21 18.42
N ASN A 181 5.93 -4.33 18.88
CA ASN A 181 5.81 -3.79 20.22
C ASN A 181 4.88 -2.61 20.35
N LYS A 182 4.66 -1.86 19.28
CA LYS A 182 3.89 -0.65 19.33
C LYS A 182 2.64 -0.63 18.48
N LEU A 183 2.59 -1.46 17.42
CA LEU A 183 1.59 -1.31 16.37
C LEU A 183 0.73 -2.54 16.15
N MET A 184 0.71 -3.47 17.10
CA MET A 184 -0.03 -4.72 17.00
C MET A 184 -0.95 -4.89 18.21
N GLU A 185 -2.10 -5.48 17.99
CA GLU A 185 -2.95 -5.98 19.08
C GLU A 185 -3.32 -7.40 18.72
N ASN A 186 -2.95 -8.35 19.58
CA ASN A 186 -3.29 -9.76 19.32
C ASN A 186 -2.87 -10.18 17.92
N GLN A 187 -1.69 -9.74 17.44
CA GLN A 187 -1.15 -10.15 16.16
C GLN A 187 -1.94 -9.61 14.96
N ILE A 188 -2.72 -8.56 15.18
CA ILE A 188 -3.41 -7.84 14.13
C ILE A 188 -2.92 -6.39 14.14
N ILE A 189 -2.55 -5.89 12.96
CA ILE A 189 -2.06 -4.52 12.85
C ILE A 189 -3.08 -3.53 13.36
N ARG A 190 -2.61 -2.59 14.17
CA ARG A 190 -3.46 -1.55 14.71
C ARG A 190 -3.68 -0.43 13.68
N PHE A 191 -4.89 0.17 13.80
CA PHE A 191 -5.07 1.51 13.29
C PHE A 191 -4.39 2.55 14.15
N SER A 192 -4.45 2.39 15.47
CA SER A 192 -3.89 3.34 16.41
C SER A 192 -3.35 2.66 17.65
N PRO A 193 -2.22 3.10 18.17
CA PRO A 193 -1.78 2.65 19.49
C PRO A 193 -2.79 2.93 20.60
N TYR A 194 -3.67 3.91 20.39
CA TYR A 194 -4.53 4.47 21.44
C TYR A 194 -5.93 3.93 21.42
N ILE A 195 -6.26 3.04 20.48
CA ILE A 195 -7.61 2.49 20.34
C ILE A 195 -7.49 0.99 20.18
N ASP A 196 -8.23 0.22 20.98
CA ASP A 196 -8.21 -1.23 20.86
C ASP A 196 -9.38 -1.73 20.06
N ASN A 197 -9.29 -2.99 19.66
CA ASN A 197 -10.32 -3.62 18.82
C ASN A 197 -10.52 -2.83 17.55
N LEU A 198 -9.44 -2.41 16.90
CA LEU A 198 -9.58 -1.59 15.69
C LEU A 198 -8.45 -1.84 14.70
N THR A 199 -8.80 -2.20 13.50
CA THR A 199 -7.84 -2.33 12.44
C THR A 199 -8.38 -1.59 11.21
N ASP A 200 -7.53 -1.49 10.20
CA ASP A 200 -7.84 -0.83 8.91
C ASP A 200 -7.55 -1.88 7.89
N PRO A 201 -8.56 -2.45 7.23
CA PRO A 201 -8.32 -3.53 6.25
C PRO A 201 -7.20 -3.26 5.31
N SER A 202 -7.06 -2.05 4.84
CA SER A 202 -6.01 -1.72 3.86
C SER A 202 -4.59 -1.93 4.39
N TYR A 203 -4.42 -2.06 5.69
CA TYR A 203 -3.13 -2.30 6.27
C TYR A 203 -2.70 -3.76 6.23
N HIS A 204 -3.63 -4.65 5.87
CA HIS A 204 -3.40 -6.11 5.87
C HIS A 204 -2.79 -6.55 4.55
N ILE A 205 -1.51 -6.95 4.61
CA ILE A 205 -0.80 -7.45 3.43
C ILE A 205 -0.21 -8.78 3.84
N PRO A 206 -0.98 -9.87 3.75
CA PRO A 206 -0.55 -11.10 4.42
C PRO A 206 0.81 -11.61 3.94
N ALA A 207 1.08 -11.52 2.65
CA ALA A 207 2.33 -12.00 2.10
C ALA A 207 3.51 -11.28 2.69
N PHE A 208 3.38 -9.99 3.02
CA PHE A 208 4.50 -9.30 3.67
C PHE A 208 4.88 -10.02 4.97
N TYR A 209 3.90 -10.47 5.74
CA TYR A 209 4.18 -11.10 7.01
C TYR A 209 4.92 -12.43 6.80
N ASP A 210 4.53 -13.19 5.75
CA ASP A 210 5.27 -14.40 5.44
C ASP A 210 6.70 -14.11 5.03
N TYR A 211 6.92 -13.02 4.28
CA TYR A 211 8.27 -12.60 3.93
C TYR A 211 9.04 -12.18 5.21
N PHE A 212 8.40 -11.45 6.11
CA PHE A 212 9.08 -11.09 7.35
C PHE A 212 9.52 -12.36 8.09
N ALA A 213 8.63 -13.34 8.19
CA ALA A 213 8.93 -14.58 8.90
C ALA A 213 10.19 -15.26 8.35
N ASN A 214 10.36 -15.23 7.04
CA ASN A 214 11.50 -15.85 6.40
C ASN A 214 12.78 -15.04 6.46
N ASN A 215 12.71 -13.82 6.99
CA ASN A 215 13.83 -12.90 7.01
C ASN A 215 14.26 -12.47 8.39
N VAL A 216 13.67 -13.05 9.42
CA VAL A 216 14.13 -12.82 10.82
C VAL A 216 15.08 -14.02 11.16
N THR A 217 15.80 -13.88 12.26
CA THR A 217 16.78 -14.94 12.58
C THR A 217 16.62 -15.50 13.93
N ASN A 218 15.44 -15.60 14.43
CA ASN A 218 15.15 -16.41 15.61
C ASN A 218 13.80 -17.11 15.41
N GLN A 219 13.71 -18.30 15.99
CA GLN A 219 12.53 -19.13 15.82
C GLN A 219 11.27 -18.48 16.36
N ALA A 220 11.31 -17.83 17.50
CA ALA A 220 10.09 -17.25 18.05
C ALA A 220 9.53 -16.22 17.08
N ASP A 221 10.39 -15.36 16.55
CA ASP A 221 9.93 -14.32 15.62
C ASP A 221 9.46 -14.85 14.29
N LYS A 222 10.09 -15.94 13.81
CA LYS A 222 9.62 -16.56 12.62
C LYS A 222 8.16 -17.01 12.80
N ASN A 223 7.94 -17.71 13.90
CA ASN A 223 6.59 -18.18 14.21
C ASN A 223 5.60 -17.03 14.42
N TYR A 224 6.05 -15.98 15.08
CA TYR A 224 5.21 -14.79 15.30
C TYR A 224 4.67 -14.27 13.98
N TRP A 225 5.57 -14.04 13.02
CA TRP A 225 5.15 -13.43 11.76
C TRP A 225 4.31 -14.39 10.91
N ARG A 226 4.58 -15.70 10.97
CA ARG A 226 3.72 -16.63 10.28
C ARG A 226 2.30 -16.59 10.85
N GLN A 227 2.18 -16.46 12.18
CA GLN A 227 0.89 -16.37 12.81
C GLN A 227 0.19 -15.06 12.41
N VAL A 228 0.94 -13.95 12.34
CA VAL A 228 0.34 -12.69 11.86
C VAL A 228 -0.20 -12.90 10.45
N ALA A 229 0.54 -13.59 9.58
CA ALA A 229 0.05 -13.85 8.23
C ALA A 229 -1.28 -14.59 8.23
N THR A 230 -1.36 -15.67 9.01
CA THR A 230 -2.58 -16.45 9.05
C THR A 230 -3.72 -15.63 9.61
N LYS A 231 -3.49 -14.87 10.66
CA LYS A 231 -4.53 -14.07 11.27
C LYS A 231 -4.95 -12.95 10.32
N SER A 232 -4.07 -12.47 9.48
CA SER A 232 -4.39 -11.41 8.55
C SER A 232 -5.32 -11.94 7.44
N ARG A 233 -4.99 -13.12 6.92
CA ARG A 233 -5.89 -13.74 5.96
C ARG A 233 -7.25 -14.00 6.60
N THR A 234 -7.28 -14.44 7.86
CA THR A 234 -8.55 -14.66 8.53
C THR A 234 -9.32 -13.38 8.67
N LEU A 235 -8.66 -12.31 9.05
CA LEU A 235 -9.33 -11.01 9.18
C LEU A 235 -9.94 -10.59 7.83
N LEU A 236 -9.13 -10.67 6.77
CA LEU A 236 -9.64 -10.29 5.48
C LEU A 236 -10.78 -11.19 5.01
N LYS A 237 -10.64 -12.49 5.19
CA LYS A 237 -11.75 -13.40 4.86
C LYS A 237 -13.00 -13.03 5.61
N ASN A 238 -12.87 -12.80 6.89
CA ASN A 238 -14.01 -12.43 7.71
C ASN A 238 -14.62 -11.11 7.26
N HIS A 239 -13.76 -10.12 6.98
CA HIS A 239 -14.25 -8.84 6.50
C HIS A 239 -15.02 -8.98 5.22
N PHE A 240 -14.49 -9.74 4.28
CA PHE A 240 -15.17 -9.95 3.01
C PHE A 240 -16.48 -10.70 3.19
N THR A 241 -16.57 -11.62 4.11
CA THR A 241 -17.84 -12.27 4.43
C THR A 241 -18.82 -11.23 4.95
N LYS A 242 -18.39 -10.38 5.84
CA LYS A 242 -19.25 -9.39 6.46
C LYS A 242 -19.71 -8.33 5.51
N VAL A 243 -18.91 -7.99 4.49
CA VAL A 243 -19.34 -6.98 3.52
C VAL A 243 -20.08 -7.56 2.32
N SER A 244 -20.19 -8.90 2.27
CA SER A 244 -20.94 -9.48 1.14
CA SER A 244 -20.94 -9.47 1.16
C SER A 244 -22.42 -9.21 1.22
N GLY A 245 -22.99 -8.91 0.06
CA GLY A 245 -24.45 -8.68 -0.02
C GLY A 245 -24.87 -7.50 0.82
N SER A 246 -26.15 -7.45 1.17
CA SER A 246 -26.65 -6.37 1.97
C SER A 246 -26.06 -6.38 3.34
N PRO A 247 -25.72 -5.25 3.97
CA PRO A 247 -25.87 -3.89 3.43
C PRO A 247 -24.65 -3.25 2.84
N HIS A 248 -23.50 -3.92 2.89
CA HIS A 248 -22.25 -3.28 2.42
C HIS A 248 -21.96 -3.51 0.94
N TRP A 249 -22.65 -4.44 0.31
CA TRP A 249 -22.59 -4.65 -1.11
C TRP A 249 -21.21 -4.83 -1.69
N ASN A 250 -20.43 -5.66 -0.99
CA ASN A 250 -19.24 -6.30 -1.55
C ASN A 250 -18.01 -5.45 -1.65
N LEU A 251 -18.02 -4.24 -1.09
CA LEU A 251 -16.81 -3.40 -0.99
C LEU A 251 -16.32 -3.40 0.44
N PRO A 252 -15.00 -3.55 0.62
CA PRO A 252 -14.41 -3.45 1.93
C PRO A 252 -14.43 -2.01 2.44
N THR A 253 -14.20 -1.84 3.75
CA THR A 253 -14.38 -0.55 4.38
C THR A 253 -13.09 -0.01 4.99
N PHE A 254 -13.13 1.27 5.32
CA PHE A 254 -12.04 2.00 5.95
C PHE A 254 -11.55 1.33 7.23
N LEU A 255 -12.49 1.09 8.16
CA LEU A 255 -12.17 0.57 9.48
C LEU A 255 -12.98 -0.70 9.76
N SER A 256 -12.37 -1.58 10.57
CA SER A 256 -12.97 -2.83 10.95
C SER A 256 -12.63 -3.19 12.37
N ARG A 257 -13.50 -3.91 13.03
CA ARG A 257 -13.17 -4.57 14.27
C ARG A 257 -12.31 -5.79 13.99
N LEU A 258 -11.77 -6.41 15.03
CA LEU A 258 -10.83 -7.52 14.85
C LEU A 258 -11.48 -8.79 14.37
N ASP A 259 -12.82 -8.86 14.42
CA ASP A 259 -13.59 -9.96 13.86
C ASP A 259 -13.98 -9.72 12.39
N GLY A 260 -13.54 -8.60 11.82
CA GLY A 260 -13.86 -8.24 10.45
C GLY A 260 -15.08 -7.38 10.28
N SER A 261 -15.80 -7.08 11.35
CA SER A 261 -17.00 -6.30 11.24
C SER A 261 -16.68 -4.85 10.88
N PRO A 262 -17.25 -4.30 9.82
CA PRO A 262 -17.06 -2.86 9.58
C PRO A 262 -17.41 -2.04 10.79
N VAL A 263 -16.65 -0.99 11.03
CA VAL A 263 -16.99 0.00 12.02
C VAL A 263 -18.05 0.91 11.42
N ILE A 264 -19.14 1.14 12.18
CA ILE A 264 -20.25 1.92 11.68
C ILE A 264 -20.15 3.35 12.24
N GLY A 265 -20.11 4.32 11.35
CA GLY A 265 -20.09 5.71 11.75
C GLY A 265 -18.78 6.14 12.37
N TYR A 266 -18.86 7.19 13.17
CA TYR A 266 -17.70 7.73 13.88
C TYR A 266 -17.53 7.04 15.21
N ILE A 267 -16.26 6.82 15.57
CA ILE A 267 -15.89 6.22 16.85
C ILE A 267 -14.79 6.97 17.61
N PHE A 268 -14.12 7.94 17.04
CA PHE A 268 -13.10 8.67 17.77
C PHE A 268 -12.92 10.09 17.27
N ASN A 269 -12.55 10.99 18.19
CA ASN A 269 -12.29 12.38 17.84
C ASN A 269 -11.07 12.47 16.91
N GLY A 270 -11.28 13.13 15.79
CA GLY A 270 -10.25 13.25 14.75
C GLY A 270 -10.47 12.34 13.56
N GLN A 271 -11.41 11.43 13.62
CA GLN A 271 -11.63 10.43 12.55
C GLN A 271 -12.07 11.17 11.32
N ALA A 272 -11.43 10.82 10.19
CA ALA A 272 -11.67 11.61 8.99
C ALA A 272 -12.99 11.31 8.27
N ASN A 273 -13.46 10.07 8.30
CA ASN A 273 -14.64 9.60 7.54
C ASN A 273 -15.29 8.51 8.35
N PRO A 274 -16.57 8.24 8.09
CA PRO A 274 -17.23 7.09 8.72
C PRO A 274 -16.49 5.80 8.47
N GLY A 275 -16.53 4.91 9.46
CA GLY A 275 -15.78 3.66 9.34
C GLY A 275 -16.21 2.71 8.25
N GLN A 276 -17.46 2.82 7.85
CA GLN A 276 -18.03 1.87 6.88
C GLN A 276 -17.89 2.37 5.48
N TRP A 277 -17.29 3.52 5.26
CA TRP A 277 -17.08 3.96 3.90
C TRP A 277 -16.00 3.12 3.22
N TYR A 278 -16.28 2.78 1.95
CA TYR A 278 -15.25 2.43 1.00
C TYR A 278 -14.72 3.75 0.53
N GLU A 279 -13.53 4.11 0.96
CA GLU A 279 -12.90 5.38 0.67
C GLU A 279 -11.45 5.14 0.28
N PHE A 280 -10.60 6.16 0.41
CA PHE A 280 -9.26 6.10 -0.10
C PHE A 280 -8.43 4.95 0.45
N ASP A 281 -8.46 4.72 1.76
CA ASP A 281 -7.74 3.58 2.29
C ASP A 281 -8.30 2.28 1.70
N ALA A 282 -9.62 2.15 1.73
CA ALA A 282 -10.27 0.93 1.30
C ALA A 282 -9.95 0.55 -0.11
N TRP A 283 -9.65 1.52 -0.98
CA TRP A 283 -9.24 1.23 -2.34
C TRP A 283 -8.16 0.15 -2.39
N ARG A 284 -7.24 0.20 -1.42
CA ARG A 284 -6.07 -0.65 -1.47
C ARG A 284 -6.34 -2.08 -1.07
N VAL A 285 -7.49 -2.35 -0.47
CA VAL A 285 -7.74 -3.70 0.02
C VAL A 285 -7.70 -4.73 -1.09
N ILE A 286 -8.46 -4.56 -2.17
CA ILE A 286 -8.41 -5.58 -3.20
C ILE A 286 -7.08 -5.60 -3.97
N MET A 287 -6.36 -4.47 -3.97
CA MET A 287 -4.98 -4.47 -4.45
C MET A 287 -4.14 -5.44 -3.60
N ASN A 288 -4.27 -5.35 -2.29
CA ASN A 288 -3.55 -6.22 -1.39
C ASN A 288 -3.95 -7.68 -1.56
N VAL A 289 -5.23 -7.93 -1.81
CA VAL A 289 -5.71 -9.29 -2.07
C VAL A 289 -5.06 -9.83 -3.35
N GLY A 290 -4.99 -9.03 -4.40
CA GLY A 290 -4.28 -9.42 -5.63
C GLY A 290 -2.81 -9.72 -5.36
N LEU A 291 -2.14 -8.82 -4.61
CA LEU A 291 -0.77 -9.02 -4.23
C LEU A 291 -0.61 -10.38 -3.54
N ASP A 292 -1.46 -10.63 -2.55
CA ASP A 292 -1.36 -11.85 -1.77
C ASP A 292 -1.58 -13.07 -2.65
N ALA A 293 -2.59 -13.01 -3.51
CA ALA A 293 -2.83 -14.13 -4.40
C ALA A 293 -1.63 -14.43 -5.30
N HIS A 294 -1.06 -13.37 -5.88
CA HIS A 294 0.10 -13.52 -6.77
C HIS A 294 1.28 -14.09 -6.02
N LEU A 295 1.64 -13.48 -4.88
CA LEU A 295 2.86 -13.84 -4.17
C LEU A 295 2.72 -15.13 -3.38
N MET A 296 1.58 -15.39 -2.75
CA MET A 296 1.41 -16.52 -1.86
C MET A 296 0.37 -17.54 -2.32
N GLY A 297 -0.30 -17.30 -3.42
CA GLY A 297 -1.24 -18.26 -4.01
C GLY A 297 -2.68 -17.83 -3.85
N ALA A 298 -3.47 -18.07 -4.89
CA ALA A 298 -4.87 -17.70 -4.90
C ALA A 298 -5.72 -18.81 -4.31
N GLN A 299 -6.49 -18.48 -3.30
CA GLN A 299 -7.45 -19.36 -2.69
C GLN A 299 -8.86 -18.85 -3.02
N ALA A 300 -9.86 -19.66 -2.69
CA ALA A 300 -11.22 -19.30 -3.02
C ALA A 300 -11.59 -17.91 -2.46
N TRP A 301 -11.15 -17.58 -1.24
CA TRP A 301 -11.56 -16.30 -0.68
C TRP A 301 -10.98 -15.12 -1.48
N HIS A 302 -9.76 -15.23 -2.00
CA HIS A 302 -9.19 -14.14 -2.77
C HIS A 302 -10.06 -13.86 -3.99
N LYS A 303 -10.42 -14.92 -4.66
CA LYS A 303 -11.16 -14.84 -5.92
C LYS A 303 -12.53 -14.27 -5.68
N SER A 304 -13.23 -14.75 -4.66
CA SER A 304 -14.54 -14.24 -4.36
C SER A 304 -14.49 -12.76 -3.98
N ALA A 305 -13.52 -12.40 -3.14
CA ALA A 305 -13.40 -11.00 -2.69
C ALA A 305 -13.25 -10.07 -3.88
N VAL A 306 -12.31 -10.40 -4.76
CA VAL A 306 -12.10 -9.51 -5.91
CA VAL A 306 -12.11 -9.53 -5.90
C VAL A 306 -13.23 -9.58 -6.93
N ASN A 307 -13.68 -10.76 -7.27
CA ASN A 307 -14.72 -10.87 -8.26
C ASN A 307 -15.97 -10.09 -7.82
N LYS A 308 -16.35 -10.19 -6.55
CA LYS A 308 -17.55 -9.52 -6.08
C LYS A 308 -17.32 -8.00 -5.98
N ALA A 309 -16.14 -7.56 -5.55
CA ALA A 309 -15.88 -6.11 -5.43
C ALA A 309 -15.87 -5.47 -6.81
N LEU A 310 -15.13 -6.05 -7.73
CA LEU A 310 -15.10 -5.54 -9.10
C LEU A 310 -16.47 -5.60 -9.74
N GLY A 311 -17.21 -6.66 -9.45
CA GLY A 311 -18.59 -6.76 -9.93
C GLY A 311 -19.43 -5.63 -9.43
N PHE A 312 -19.32 -5.28 -8.16
CA PHE A 312 -20.08 -4.14 -7.64
C PHE A 312 -19.68 -2.86 -8.36
N LEU A 313 -18.37 -2.63 -8.53
CA LEU A 313 -17.95 -1.39 -9.15
C LEU A 313 -18.48 -1.29 -10.59
N SER A 314 -18.44 -2.41 -11.31
CA SER A 314 -19.02 -2.36 -12.67
CA SER A 314 -19.03 -2.32 -12.65
C SER A 314 -20.50 -2.04 -12.64
N TYR A 315 -21.22 -2.69 -11.74
CA TYR A 315 -22.64 -2.38 -11.59
CA TYR A 315 -22.61 -2.33 -11.60
C TYR A 315 -22.86 -0.91 -11.19
N ALA A 316 -22.05 -0.40 -10.30
CA ALA A 316 -22.21 0.96 -9.85
C ALA A 316 -21.97 1.94 -10.99
N LYS A 317 -21.03 1.65 -11.87
CA LYS A 317 -20.80 2.46 -13.05
C LYS A 317 -22.02 2.49 -13.97
N THR A 318 -22.71 1.35 -14.12
CA THR A 318 -23.91 1.35 -14.96
C THR A 318 -25.03 2.19 -14.36
N ASN A 319 -25.01 2.40 -13.04
CA ASN A 319 -25.97 3.19 -12.34
C ASN A 319 -25.41 4.56 -11.93
N ASN A 320 -24.54 5.11 -12.76
CA ASN A 320 -23.94 6.42 -12.53
C ASN A 320 -24.16 7.30 -13.74
N SER A 321 -24.64 8.52 -13.50
CA SER A 321 -24.88 9.46 -14.58
C SER A 321 -23.65 9.91 -15.30
N LYS A 322 -22.48 9.74 -14.70
CA LYS A 322 -21.22 10.10 -15.33
C LYS A 322 -20.56 8.93 -16.00
N ASN A 323 -21.19 7.75 -15.98
CA ASN A 323 -20.62 6.53 -16.57
C ASN A 323 -19.25 6.21 -15.95
N CYS A 324 -19.13 6.37 -14.67
CA CYS A 324 -17.95 5.99 -13.91
C CYS A 324 -18.40 5.33 -12.63
N TYR A 325 -17.56 4.49 -12.04
CA TYR A 325 -17.72 4.21 -10.63
C TYR A 325 -16.93 5.29 -9.88
N GLU A 326 -17.40 5.61 -8.69
CA GLU A 326 -16.88 6.68 -7.90
C GLU A 326 -15.83 6.26 -6.87
N GLN A 327 -15.24 7.27 -6.24
CA GLN A 327 -14.19 7.10 -5.25
C GLN A 327 -14.67 6.68 -3.89
N VAL A 328 -15.89 6.98 -3.53
CA VAL A 328 -16.41 6.72 -2.19
C VAL A 328 -17.82 6.15 -2.24
N TYR A 329 -18.00 5.00 -1.64
CA TYR A 329 -19.33 4.35 -1.46
C TYR A 329 -19.56 4.10 0.00
N SER A 330 -20.84 4.10 0.42
CA SER A 330 -21.23 3.71 1.76
C SER A 330 -22.50 2.91 1.66
N TYR A 331 -22.51 1.69 2.17
CA TYR A 331 -23.67 0.82 2.04
C TYR A 331 -24.12 0.65 0.61
N GLY A 332 -23.15 0.62 -0.32
CA GLY A 332 -23.47 0.47 -1.73
C GLY A 332 -23.95 1.74 -2.44
N GLY A 333 -23.98 2.84 -1.75
CA GLY A 333 -24.45 4.11 -2.29
C GLY A 333 -23.34 5.10 -2.57
N ALA A 334 -23.33 5.68 -3.75
CA ALA A 334 -22.31 6.65 -4.12
C ALA A 334 -22.42 7.86 -3.23
N GLN A 335 -21.27 8.36 -2.78
CA GLN A 335 -21.20 9.53 -1.92
C GLN A 335 -20.86 10.83 -2.64
N ASN A 336 -20.84 10.83 -3.96
CA ASN A 336 -20.61 12.04 -4.75
C ASN A 336 -19.25 12.69 -4.46
N ARG A 337 -18.23 11.87 -4.34
CA ARG A 337 -16.84 12.30 -4.14
C ARG A 337 -15.96 12.10 -5.35
N GLY A 338 -16.58 12.06 -6.54
CA GLY A 338 -15.87 12.07 -7.78
C GLY A 338 -15.73 10.71 -8.44
N CYS A 339 -15.64 10.73 -9.75
CA CYS A 339 -15.30 9.58 -10.50
C CYS A 339 -13.95 9.02 -10.08
N ALA A 340 -13.79 7.71 -10.19
CA ALA A 340 -12.52 7.07 -9.89
C ALA A 340 -11.39 7.76 -10.58
N GLY A 341 -10.36 8.02 -9.84
CA GLY A 341 -9.11 8.50 -10.45
C GLY A 341 -8.11 7.40 -10.72
N GLU A 342 -6.91 7.82 -11.05
CA GLU A 342 -5.94 6.89 -11.53
C GLU A 342 -5.53 5.89 -10.46
N GLY A 343 -5.44 6.35 -9.21
CA GLY A 343 -4.98 5.46 -8.16
C GLY A 343 -5.96 4.33 -7.86
N GLN A 344 -7.26 4.66 -7.92
CA GLN A 344 -8.29 3.67 -7.70
C GLN A 344 -8.29 2.68 -8.83
N LYS A 345 -8.18 3.18 -10.08
CA LYS A 345 -8.09 2.29 -11.22
C LYS A 345 -6.84 1.41 -11.14
N ALA A 346 -5.75 1.96 -10.65
CA ALA A 346 -4.51 1.21 -10.47
C ALA A 346 -4.67 0.08 -9.42
N ALA A 347 -5.28 0.38 -8.29
CA ALA A 347 -5.54 -0.60 -7.27
C ALA A 347 -6.36 -1.74 -7.83
N ASN A 348 -7.39 -1.39 -8.61
CA ASN A 348 -8.30 -2.37 -9.16
C ASN A 348 -7.63 -3.25 -10.22
N ALA A 349 -6.65 -2.68 -10.96
CA ALA A 349 -5.90 -3.48 -11.91
C ALA A 349 -5.05 -4.56 -11.19
N VAL A 350 -4.43 -4.20 -10.05
CA VAL A 350 -3.66 -5.16 -9.32
C VAL A 350 -4.53 -6.28 -8.79
N ALA A 351 -5.75 -5.94 -8.38
CA ALA A 351 -6.69 -6.91 -7.89
C ALA A 351 -6.95 -8.05 -8.87
N LEU A 352 -6.76 -7.77 -10.16
CA LEU A 352 -6.95 -8.79 -11.21
C LEU A 352 -6.09 -9.99 -11.06
N LEU A 353 -5.00 -9.92 -10.31
CA LEU A 353 -4.18 -11.10 -10.03
C LEU A 353 -4.92 -12.16 -9.21
N ALA A 354 -6.08 -11.82 -8.65
CA ALA A 354 -6.95 -12.78 -7.99
C ALA A 354 -8.27 -12.98 -8.75
N SER A 355 -8.47 -12.30 -9.87
CA SER A 355 -9.76 -12.38 -10.63
C SER A 355 -9.80 -13.64 -11.49
N THR A 356 -11.03 -14.14 -11.68
CA THR A 356 -11.25 -15.28 -12.59
C THR A 356 -12.13 -14.95 -13.75
N ASN A 357 -12.37 -13.66 -13.99
CA ASN A 357 -13.28 -13.19 -15.01
C ASN A 357 -12.53 -12.40 -16.08
N ALA A 358 -12.32 -13.01 -17.24
CA ALA A 358 -11.54 -12.38 -18.31
C ALA A 358 -12.18 -11.13 -18.83
N GLY A 359 -13.49 -11.07 -18.90
CA GLY A 359 -14.18 -9.88 -19.30
C GLY A 359 -13.94 -8.69 -18.34
N GLN A 360 -14.02 -8.92 -17.08
CA GLN A 360 -13.71 -7.95 -16.03
C GLN A 360 -12.23 -7.55 -16.20
N ALA A 361 -11.36 -8.53 -16.37
CA ALA A 361 -9.95 -8.20 -16.51
C ALA A 361 -9.70 -7.31 -17.67
N ASN A 362 -10.31 -7.63 -18.82
CA ASN A 362 -10.11 -6.78 -19.95
C ASN A 362 -10.49 -5.37 -19.66
N GLU A 363 -11.64 -5.15 -19.08
CA GLU A 363 -12.11 -3.82 -18.84
C GLU A 363 -11.27 -3.08 -17.79
N PHE A 364 -11.08 -3.66 -16.61
CA PHE A 364 -10.35 -2.99 -15.54
C PHE A 364 -8.89 -2.80 -15.96
N PHE A 365 -8.30 -3.77 -16.63
CA PHE A 365 -6.92 -3.61 -16.98
C PHE A 365 -6.74 -2.50 -18.02
N ASN A 366 -7.59 -2.51 -19.05
CA ASN A 366 -7.47 -1.48 -20.08
C ASN A 366 -7.77 -0.09 -19.59
N GLU A 367 -8.68 0.05 -18.63
CA GLU A 367 -8.96 1.35 -18.04
C GLU A 367 -7.73 1.88 -17.32
N PHE A 368 -6.91 1.01 -16.75
CA PHE A 368 -5.65 1.42 -16.11
C PHE A 368 -4.56 1.70 -17.15
N TRP A 369 -4.39 0.80 -18.09
CA TRP A 369 -3.28 0.87 -19.01
C TRP A 369 -3.41 2.04 -19.99
N SER A 370 -4.64 2.50 -20.23
CA SER A 370 -4.84 3.63 -21.12
C SER A 370 -4.61 4.95 -20.46
N LEU A 371 -4.43 4.99 -19.15
CA LEU A 371 -4.24 6.26 -18.46
C LEU A 371 -2.90 6.88 -18.75
N SER A 372 -2.87 8.21 -18.74
CA SER A 372 -1.56 8.85 -18.60
CA SER A 372 -1.55 8.80 -18.57
C SER A 372 -1.19 8.89 -17.10
N GLN A 373 0.11 9.00 -16.86
CA GLN A 373 0.60 9.03 -15.49
C GLN A 373 0.03 10.25 -14.78
N PRO A 374 -0.36 10.13 -13.53
CA PRO A 374 -0.94 11.27 -12.84
C PRO A 374 -0.10 12.54 -12.80
N THR A 375 -0.78 13.67 -12.99
CA THR A 375 -0.22 15.00 -12.88
C THR A 375 -1.21 15.86 -12.07
N GLY A 376 -0.84 17.09 -11.82
CA GLY A 376 -1.72 17.98 -11.16
C GLY A 376 -1.83 17.82 -9.66
N ASP A 377 -2.84 18.45 -9.09
CA ASP A 377 -2.90 18.66 -7.66
C ASP A 377 -3.25 17.43 -6.87
N TYR A 378 -3.80 16.40 -7.50
CA TYR A 378 -4.20 15.20 -6.81
C TYR A 378 -3.26 14.03 -7.07
N ARG A 379 -2.06 14.33 -7.59
CA ARG A 379 -1.18 13.27 -8.01
C ARG A 379 -0.50 12.51 -6.88
N TYR A 380 -0.49 13.00 -5.65
CA TYR A 380 0.18 12.22 -4.60
C TYR A 380 -0.42 10.86 -4.45
N TYR A 381 -1.71 10.78 -4.19
CA TYR A 381 -2.22 9.47 -3.88
C TYR A 381 -2.45 8.69 -5.17
N ASN A 382 -2.99 9.37 -6.21
CA ASN A 382 -3.13 8.72 -7.51
C ASN A 382 -1.81 8.23 -8.08
N GLY A 383 -0.79 9.07 -8.04
CA GLY A 383 0.49 8.76 -8.61
C GLY A 383 1.26 7.72 -7.82
N SER A 384 1.13 7.73 -6.49
CA SER A 384 1.82 6.73 -5.69
C SER A 384 1.26 5.33 -5.99
N LEU A 385 -0.07 5.22 -6.05
CA LEU A 385 -0.67 3.94 -6.39
C LEU A 385 -0.40 3.54 -7.81
N TYR A 386 -0.39 4.50 -8.73
CA TYR A 386 -0.09 4.22 -10.13
C TYR A 386 1.30 3.57 -10.26
N MET A 387 2.27 4.12 -9.54
CA MET A 387 3.63 3.56 -9.55
C MET A 387 3.64 2.14 -9.01
N LEU A 388 3.02 1.90 -7.86
CA LEU A 388 3.00 0.55 -7.32
C LEU A 388 2.30 -0.43 -8.27
N ALA A 389 1.19 -0.01 -8.85
CA ALA A 389 0.47 -0.89 -9.75
C ALA A 389 1.32 -1.23 -11.01
N MET A 390 2.04 -0.24 -11.54
CA MET A 390 2.88 -0.50 -12.66
C MET A 390 3.88 -1.60 -12.37
N LEU A 391 4.45 -1.65 -11.16
CA LEU A 391 5.31 -2.70 -10.75
C LEU A 391 4.56 -4.05 -10.66
N HIS A 392 3.40 -4.04 -10.02
CA HIS A 392 2.64 -5.24 -9.83
C HIS A 392 2.17 -5.91 -11.09
N VAL A 393 1.86 -5.12 -12.11
CA VAL A 393 1.27 -5.68 -13.34
C VAL A 393 2.28 -6.00 -14.41
N SER A 394 3.56 -5.78 -14.12
CA SER A 394 4.66 -6.02 -15.06
C SER A 394 5.63 -7.06 -14.55
N GLY A 395 5.30 -7.77 -13.48
CA GLY A 395 6.17 -8.75 -12.94
C GLY A 395 7.39 -8.18 -12.21
N ASN A 396 7.36 -6.93 -11.81
CA ASN A 396 8.47 -6.32 -11.17
C ASN A 396 8.36 -6.24 -9.65
N PHE A 397 7.21 -6.59 -9.07
CA PHE A 397 7.03 -6.53 -7.63
C PHE A 397 7.39 -7.93 -7.09
N LYS A 398 8.62 -8.07 -6.60
CA LYS A 398 9.19 -9.36 -6.22
C LYS A 398 9.67 -9.33 -4.79
N PHE A 399 9.75 -10.52 -4.18
CA PHE A 399 10.31 -10.67 -2.84
C PHE A 399 11.75 -11.16 -2.95
N TYR A 400 12.69 -10.40 -2.44
CA TYR A 400 14.12 -10.74 -2.46
C TYR A 400 14.53 -11.16 -1.05
N ASN A 401 14.72 -12.47 -0.85
CA ASN A 401 15.10 -12.97 0.45
C ASN A 401 16.53 -12.67 0.76
N ASN A 402 16.82 -12.44 2.04
CA ASN A 402 18.15 -12.38 2.56
C ASN A 402 18.69 -13.78 2.69
N THR A 403 20.00 -13.87 2.65
CA THR A 403 20.69 -15.21 2.81
C THR A 403 21.39 -15.23 4.14
N PHE A 404 21.19 -16.30 4.88
CA PHE A 404 21.79 -16.45 6.20
C PHE A 404 22.91 -17.68 6.24
O1 XYP B . -7.43 14.27 -11.25
C1 XYP B . -8.50 14.00 -10.32
C2 XYP B . -8.19 12.81 -9.57
C3 XYP B . -9.20 12.45 -8.55
C4 XYP B . -9.72 13.71 -7.84
C5 XYP B . -10.03 14.82 -8.83
O2 XYP B . -7.91 11.66 -10.38
O3 XYP B . -8.69 11.47 -7.65
O4 XYP B . -10.79 13.46 -6.98
O5 XYP B . -8.87 15.06 -9.64
C1 XYS C . -8.50 14.00 -10.32
C2 XYS C . -8.19 12.81 -9.57
C3 XYS C . -9.20 12.45 -8.55
C4 XYS C . -9.72 13.71 -7.84
C5 XYS C . -10.03 14.82 -8.83
O1 XYS C . -9.49 13.69 -11.23
O2 XYS C . -7.91 11.66 -10.38
O3 XYS C . -8.69 11.47 -7.65
O4 XYS C . -10.79 13.46 -6.98
O5 XYS C . -8.87 15.06 -9.64
#